data_3VET
#
_entry.id   3VET
#
_cell.length_a   98.818
_cell.length_b   98.818
_cell.length_c   280.908
_cell.angle_alpha   90.000
_cell.angle_beta   90.000
_cell.angle_gamma   120.000
#
_symmetry.space_group_name_H-M   'P 61 2 2'
#
loop_
_entity.id
_entity.type
_entity.pdbx_description
1 polymer 'O-carbamoyltransferase TobZ'
2 non-polymer "ADENOSINE-5'-DIPHOSPHATE"
3 non-polymer 'PHOSPHORIC ACID MONO(FORMAMIDE)ESTER'
4 non-polymer TOBRAMYCIN
5 non-polymer 'MANGANESE (II) ION'
6 non-polymer 'POTASSIUM ION'
7 non-polymer 'FE (II) ION'
8 non-polymer 1,2-ETHANEDIOL
9 water water
#
_entity_poly.entity_id   1
_entity_poly.type   'polypeptide(L)'
_entity_poly.pdbx_seq_one_letter_code
;HHHHHHMRVLGLNGWPRDFHDASAALLVDGRIAAFAEEERLTRKKHGYNTAPVQAAAFCLAQAGLTVDDLDAVAFGWDLP
AMYRERLGGWPHSDSEALDILLPRDVFPRRTDPPLHFVQHHLAHAASAYYFSGEDRGAVLIVDGQGEEECVTLAHAEGGK
ITVLDTVPGAWSLGFFYEHVSEYTGLGGDNPGKLMGLAAHGTTVDETLSAFAFDSDGYRLNLIDPQARDPEDWDEYSVTE
RAWFAHLERIYRLPPNEFVRRYDPAKGRVVRDTRRDPYEYRDLAATAQAALERAVFGLADSVLARTGERTLFVAGGVGLN
ATMNGKLLTRSTVDKMFVPPVASDIGVSLGAAAAVAVELGDRIAPMGDTAAWGPEFSPDQVRAALDRTGLAYREPANLER
EVAALIASGKVVGWAQGRGEVGPRALGQRSLLGSAHSPTMRDHINLRVKDREWWRPFAPSMLRSVSDQVLEVDADFPYMI
MTTKVRAAYAERLPSVVHEDWSTRPQTVTEASNPRYHRMLTELGDLVGDPVCLNTSFNDRGEPIVSSPADALLTFSRLPI
DALAVGPYLVTKDLRH
;
_entity_poly.pdbx_strand_id   A
#
# COMPACT_ATOMS: atom_id res chain seq x y z
N HIS A 6 9.48 23.69 18.30
CA HIS A 6 9.08 22.59 17.43
C HIS A 6 7.65 22.13 17.72
N MET A 7 6.93 21.76 16.66
CA MET A 7 5.63 21.10 16.81
C MET A 7 5.73 19.60 16.47
N ARG A 8 5.38 18.76 17.43
CA ARG A 8 5.60 17.34 17.32
C ARG A 8 4.26 16.61 17.46
N VAL A 9 3.83 15.94 16.39
CA VAL A 9 2.52 15.31 16.39
C VAL A 9 2.64 13.85 16.00
N LEU A 10 2.14 12.98 16.88
CA LEU A 10 2.12 11.55 16.64
C LEU A 10 0.75 11.14 16.14
N GLY A 11 0.68 10.70 14.89
CA GLY A 11 -0.54 10.22 14.30
C GLY A 11 -0.62 8.72 14.46
N LEU A 12 -1.83 8.22 14.72
CA LEU A 12 -2.04 6.81 14.97
C LEU A 12 -3.20 6.24 14.16
N ASN A 13 -3.08 4.96 13.82
CA ASN A 13 -4.20 4.16 13.37
C ASN A 13 -4.10 2.78 13.99
N GLY A 14 -5.24 2.16 14.25
CA GLY A 14 -5.24 0.87 14.90
C GLY A 14 -5.94 0.93 16.24
N TRP A 15 -6.82 -0.04 16.46
CA TRP A 15 -7.65 -0.10 17.64
C TRP A 15 -7.99 -1.58 17.84
N PRO A 16 -8.12 -2.01 19.10
CA PRO A 16 -8.33 -3.42 19.47
C PRO A 16 -9.62 -4.03 18.89
N ARG A 17 -10.61 -3.21 18.58
CA ARG A 17 -11.91 -3.70 18.10
C ARG A 17 -12.07 -3.59 16.58
N ASP A 18 -12.13 -4.74 15.90
CA ASP A 18 -12.37 -4.84 14.45
C ASP A 18 -11.66 -3.77 13.62
N PHE A 19 -10.33 -3.84 13.59
CA PHE A 19 -9.52 -2.82 12.95
C PHE A 19 -8.39 -3.50 12.20
N HIS A 20 -7.78 -2.77 11.27
CA HIS A 20 -6.73 -3.32 10.44
C HIS A 20 -5.75 -2.21 10.10
N ASP A 21 -4.57 -2.60 9.64
CA ASP A 21 -3.53 -1.66 9.19
C ASP A 21 -3.09 -0.63 10.24
N ALA A 22 -2.84 -1.12 11.45
CA ALA A 22 -2.31 -0.28 12.50
C ALA A 22 -1.00 0.33 12.04
N SER A 23 -0.79 1.61 12.37
CA SER A 23 0.43 2.31 11.98
C SER A 23 0.61 3.57 12.82
N ALA A 24 1.82 4.12 12.80
CA ALA A 24 2.11 5.33 13.57
C ALA A 24 3.05 6.17 12.77
N ALA A 25 2.80 7.47 12.78
CA ALA A 25 3.62 8.43 12.05
C ALA A 25 3.92 9.61 12.97
N LEU A 26 5.16 10.07 12.97
CA LEU A 26 5.54 11.21 13.78
C LEU A 26 5.99 12.38 12.91
N LEU A 27 5.25 13.49 13.00
CA LEU A 27 5.63 14.72 12.32
C LEU A 27 6.34 15.68 13.29
N VAL A 28 7.54 16.12 12.91
CA VAL A 28 8.29 17.13 13.66
C VAL A 28 8.48 18.35 12.75
N ASP A 29 7.77 19.44 13.07
CA ASP A 29 7.82 20.64 12.27
CA ASP A 29 7.79 20.65 12.26
C ASP A 29 7.41 20.37 10.81
N GLY A 30 6.32 19.61 10.64
CA GLY A 30 5.80 19.28 9.32
C GLY A 30 6.62 18.27 8.52
N ARG A 31 7.70 17.76 9.11
CA ARG A 31 8.52 16.75 8.44
C ARG A 31 8.29 15.38 9.08
N ILE A 32 8.41 14.34 8.26
CA ILE A 32 8.22 12.99 8.77
C ILE A 32 9.50 12.54 9.45
N ALA A 33 9.45 12.46 10.79
CA ALA A 33 10.62 11.99 11.52
C ALA A 33 10.66 10.48 11.52
N ALA A 34 9.49 9.85 11.57
CA ALA A 34 9.41 8.40 11.60
C ALA A 34 8.01 7.97 11.23
N PHE A 35 7.88 6.77 10.66
CA PHE A 35 6.61 6.25 10.18
C PHE A 35 6.81 4.74 10.02
N ALA A 36 5.95 3.93 10.64
CA ALA A 36 6.03 2.48 10.48
C ALA A 36 4.66 1.80 10.57
N GLU A 37 4.55 0.63 9.95
CA GLU A 37 3.36 -0.22 10.05
C GLU A 37 3.56 -1.23 11.16
N GLU A 38 2.51 -1.47 11.94
CA GLU A 38 2.57 -2.44 13.01
C GLU A 38 2.98 -3.83 12.50
N GLU A 39 2.44 -4.24 11.35
CA GLU A 39 2.66 -5.60 10.84
C GLU A 39 4.14 -5.91 10.60
N ARG A 40 4.90 -4.88 10.24
CA ARG A 40 6.32 -5.07 9.95
C ARG A 40 7.13 -5.38 11.19
N LEU A 41 6.69 -4.86 12.34
CA LEU A 41 7.42 -5.06 13.59
C LEU A 41 6.97 -6.31 14.30
N THR A 42 5.66 -6.53 14.36
CA THR A 42 5.07 -7.71 14.97
C THR A 42 5.17 -8.96 14.08
N ARG A 43 5.38 -8.75 12.78
CA ARG A 43 5.40 -9.85 11.80
C ARG A 43 4.00 -10.46 11.61
N LYS A 44 2.96 -9.79 12.11
CA LYS A 44 1.59 -10.25 11.90
C LYS A 44 0.92 -9.44 10.80
N LYS A 45 0.72 -10.09 9.65
CA LYS A 45 0.24 -9.39 8.45
C LYS A 45 -1.06 -8.63 8.69
N HIS A 46 -1.10 -7.40 8.17
CA HIS A 46 -2.31 -6.55 8.18
C HIS A 46 -2.55 -5.79 9.51
N GLY A 47 -1.73 -6.07 10.52
CA GLY A 47 -1.87 -5.37 11.79
C GLY A 47 -3.31 -5.28 12.29
N TYR A 48 -3.98 -6.44 12.34
CA TYR A 48 -5.38 -6.54 12.79
C TYR A 48 -5.57 -6.29 14.27
N ASN A 49 -6.67 -5.63 14.61
CA ASN A 49 -7.16 -5.51 15.98
C ASN A 49 -6.13 -5.14 17.01
N THR A 50 -5.38 -4.08 16.73
CA THR A 50 -4.38 -3.68 17.68
C THR A 50 -4.12 -2.18 17.58
N ALA A 51 -3.89 -1.56 18.73
CA ALA A 51 -3.28 -0.24 18.76
C ALA A 51 -1.88 -0.43 18.19
N PRO A 52 -1.31 0.64 17.60
CA PRO A 52 0.00 0.55 16.96
C PRO A 52 1.14 0.65 17.98
N VAL A 53 1.15 -0.26 18.93
CA VAL A 53 2.08 -0.20 20.06
C VAL A 53 3.54 -0.16 19.60
N GLN A 54 3.92 -1.13 18.79
CA GLN A 54 5.32 -1.22 18.35
C GLN A 54 5.68 -0.10 17.39
N ALA A 55 4.79 0.21 16.46
CA ALA A 55 5.04 1.28 15.50
C ALA A 55 5.26 2.62 16.20
N ALA A 56 4.44 2.92 17.20
CA ALA A 56 4.54 4.18 17.93
C ALA A 56 5.77 4.20 18.84
N ALA A 57 6.11 3.06 19.44
CA ALA A 57 7.32 2.98 20.25
C ALA A 57 8.54 3.24 19.36
N PHE A 58 8.56 2.66 18.15
CA PHE A 58 9.63 2.96 17.22
C PHE A 58 9.71 4.45 16.85
N CYS A 59 8.56 5.07 16.56
CA CYS A 59 8.55 6.48 16.18
C CYS A 59 9.19 7.35 17.26
N LEU A 60 8.82 7.11 18.52
CA LEU A 60 9.35 7.88 19.64
C LEU A 60 10.85 7.61 19.80
N ALA A 61 11.25 6.34 19.72
CA ALA A 61 12.66 6.00 19.88
C ALA A 61 13.51 6.63 18.77
N GLN A 62 13.00 6.60 17.55
CA GLN A 62 13.71 7.15 16.40
C GLN A 62 13.98 8.64 16.60
N ALA A 63 13.01 9.34 17.18
CA ALA A 63 13.12 10.79 17.31
C ALA A 63 13.67 11.21 18.66
N GLY A 64 14.02 10.24 19.51
CA GLY A 64 14.53 10.51 20.83
C GLY A 64 13.54 11.21 21.74
N LEU A 65 12.28 10.77 21.69
CA LEU A 65 11.19 11.46 22.38
C LEU A 65 10.40 10.54 23.29
N THR A 66 9.61 11.13 24.18
CA THR A 66 8.65 10.39 24.98
C THR A 66 7.29 11.02 24.68
N VAL A 67 6.22 10.43 25.19
CA VAL A 67 4.89 11.03 25.01
C VAL A 67 4.82 12.46 25.59
N ASP A 68 5.66 12.75 26.58
CA ASP A 68 5.67 14.07 27.22
C ASP A 68 6.23 15.14 26.28
N ASP A 69 6.91 14.71 25.23
CA ASP A 69 7.45 15.65 24.25
C ASP A 69 6.50 15.95 23.12
N LEU A 70 5.32 15.31 23.13
CA LEU A 70 4.36 15.49 22.04
C LEU A 70 3.43 16.68 22.27
N ASP A 71 3.25 17.48 21.23
CA ASP A 71 2.22 18.53 21.26
C ASP A 71 0.80 17.99 21.10
N ALA A 72 0.67 16.87 20.40
CA ALA A 72 -0.64 16.27 20.22
C ALA A 72 -0.54 14.83 19.78
N VAL A 73 -1.56 14.05 20.13
CA VAL A 73 -1.76 12.74 19.56
C VAL A 73 -2.99 12.76 18.66
N ALA A 74 -2.84 12.29 17.43
CA ALA A 74 -3.91 12.34 16.44
C ALA A 74 -4.31 10.92 15.98
N PHE A 75 -5.61 10.62 16.01
CA PHE A 75 -6.12 9.32 15.53
C PHE A 75 -6.95 9.45 14.23
N GLY A 76 -6.67 8.61 13.23
CA GLY A 76 -7.24 8.74 11.90
C GLY A 76 -8.67 8.28 11.64
N TRP A 77 -9.50 8.27 12.66
CA TRP A 77 -10.94 8.01 12.52
C TRP A 77 -11.65 8.88 13.55
N ASP A 78 -12.89 9.28 13.29
CA ASP A 78 -13.72 9.83 14.35
C ASP A 78 -14.32 8.68 15.17
N LEU A 79 -13.47 8.06 16.01
CA LEU A 79 -13.87 6.90 16.80
C LEU A 79 -15.07 7.18 17.72
N PRO A 80 -15.02 8.33 18.44
CA PRO A 80 -16.16 8.64 19.32
C PRO A 80 -17.48 8.67 18.56
N ALA A 81 -17.50 9.27 17.38
CA ALA A 81 -18.72 9.32 16.58
C ALA A 81 -19.15 7.91 16.14
N MET A 82 -18.19 7.05 15.83
CA MET A 82 -18.54 5.67 15.43
C MET A 82 -19.18 4.92 16.59
N TYR A 83 -18.64 5.13 17.79
CA TYR A 83 -19.18 4.46 18.97
C TYR A 83 -20.56 5.02 19.32
N ARG A 84 -20.72 6.33 19.21
CA ARG A 84 -22.01 6.93 19.50
CA ARG A 84 -22.01 6.96 19.47
C ARG A 84 -23.08 6.46 18.50
N GLU A 85 -22.72 6.38 17.23
CA GLU A 85 -23.66 6.00 16.18
C GLU A 85 -23.99 4.50 16.13
N ARG A 86 -22.98 3.64 16.26
CA ARG A 86 -23.17 2.22 16.00
C ARG A 86 -23.10 1.31 17.22
N LEU A 87 -22.60 1.82 18.35
CA LEU A 87 -22.41 0.96 19.52
C LEU A 87 -23.03 1.50 20.80
N GLY A 88 -23.86 2.51 20.68
CA GLY A 88 -24.60 3.03 21.83
C GLY A 88 -23.78 3.87 22.80
N GLY A 89 -22.75 4.54 22.29
CA GLY A 89 -22.01 5.50 23.10
C GLY A 89 -20.51 5.32 23.18
N TRP A 90 -19.81 6.45 23.31
CA TRP A 90 -18.37 6.48 23.48
C TRP A 90 -18.09 6.54 24.97
N PRO A 91 -17.53 5.44 25.52
CA PRO A 91 -17.36 5.29 26.98
C PRO A 91 -16.05 5.84 27.53
N HIS A 92 -15.16 6.35 26.68
CA HIS A 92 -13.81 6.68 27.14
C HIS A 92 -13.54 8.17 27.30
N SER A 93 -12.93 8.53 28.42
CA SER A 93 -12.31 9.84 28.54
C SER A 93 -11.06 9.82 27.66
N ASP A 94 -10.60 10.99 27.24
CA ASP A 94 -9.37 11.07 26.45
C ASP A 94 -8.25 10.27 27.11
N SER A 95 -8.18 10.36 28.43
CA SER A 95 -7.14 9.67 29.21
C SER A 95 -7.27 8.16 29.09
N GLU A 96 -8.49 7.66 29.21
CA GLU A 96 -8.74 6.25 29.02
C GLU A 96 -8.48 5.80 27.58
N ALA A 97 -8.83 6.64 26.61
CA ALA A 97 -8.55 6.33 25.21
C ALA A 97 -7.05 6.26 24.96
N LEU A 98 -6.31 7.19 25.58
CA LEU A 98 -4.85 7.21 25.45
C LEU A 98 -4.19 6.00 26.12
N ASP A 99 -4.82 5.47 27.16
CA ASP A 99 -4.28 4.27 27.82
C ASP A 99 -4.41 3.04 26.91
N ILE A 100 -5.36 3.11 25.97
CA ILE A 100 -5.56 2.02 25.02
C ILE A 100 -4.63 2.17 23.79
N LEU A 101 -4.53 3.39 23.28
CA LEU A 101 -3.73 3.69 22.09
C LEU A 101 -2.25 3.59 22.40
N LEU A 102 -1.89 4.09 23.58
CA LEU A 102 -0.49 4.10 24.01
C LEU A 102 -0.37 3.53 25.42
N PRO A 103 -0.46 2.20 25.57
CA PRO A 103 -0.39 1.57 26.90
C PRO A 103 0.78 2.13 27.73
N ARG A 104 0.54 2.40 29.01
CA ARG A 104 1.53 3.04 29.87
C ARG A 104 2.75 2.18 30.16
N ASP A 105 2.63 0.86 30.04
CA ASP A 105 3.80 0.04 30.22
C ASP A 105 4.81 0.25 29.09
N VAL A 106 4.36 0.77 27.96
CA VAL A 106 5.27 1.00 26.84
C VAL A 106 5.53 2.49 26.70
N PHE A 107 4.54 3.29 27.10
CA PHE A 107 4.57 4.73 26.92
C PHE A 107 4.39 5.50 28.24
N PRO A 108 5.42 5.52 29.10
CA PRO A 108 5.25 6.24 30.37
C PRO A 108 5.02 7.72 30.09
N ARG A 109 4.21 8.39 30.88
CA ARG A 109 3.98 9.83 30.69
CA ARG A 109 3.90 9.81 30.65
C ARG A 109 3.57 10.55 31.95
N ARG A 110 4.10 11.77 32.11
CA ARG A 110 3.78 12.62 33.26
C ARG A 110 2.31 13.03 33.17
N THR A 111 1.87 13.41 31.97
CA THR A 111 0.51 13.92 31.75
C THR A 111 0.02 13.48 30.38
N ASP A 112 -1.24 13.79 30.07
CA ASP A 112 -1.83 13.44 28.77
C ASP A 112 -1.57 14.49 27.69
N PRO A 113 -1.03 14.08 26.54
CA PRO A 113 -1.02 15.06 25.45
C PRO A 113 -2.45 15.28 24.98
N PRO A 114 -2.72 16.44 24.36
CA PRO A 114 -4.03 16.63 23.73
C PRO A 114 -4.30 15.50 22.73
N LEU A 115 -5.52 14.97 22.76
CA LEU A 115 -5.93 13.91 21.85
C LEU A 115 -6.93 14.45 20.84
N HIS A 116 -6.65 14.19 19.55
CA HIS A 116 -7.50 14.61 18.46
C HIS A 116 -7.99 13.41 17.64
N PHE A 117 -9.29 13.35 17.38
CA PHE A 117 -9.81 12.37 16.45
C PHE A 117 -10.09 13.06 15.12
N VAL A 118 -9.54 12.49 14.06
CA VAL A 118 -9.68 13.10 12.75
C VAL A 118 -10.57 12.21 11.91
N GLN A 119 -11.60 12.81 11.31
CA GLN A 119 -12.55 12.09 10.50
C GLN A 119 -11.82 11.30 9.41
N HIS A 120 -12.25 10.06 9.18
CA HIS A 120 -11.43 9.09 8.48
C HIS A 120 -11.03 9.51 7.06
N HIS A 121 -12.02 9.92 6.25
CA HIS A 121 -11.72 10.34 4.88
C HIS A 121 -10.90 11.62 4.86
N LEU A 122 -11.06 12.48 5.86
CA LEU A 122 -10.26 13.69 5.94
C LEU A 122 -8.79 13.30 6.16
N ALA A 123 -8.57 12.32 7.03
CA ALA A 123 -7.22 11.80 7.26
C ALA A 123 -6.60 11.23 5.97
N HIS A 124 -7.38 10.43 5.24
CA HIS A 124 -6.95 9.96 3.92
C HIS A 124 -6.62 11.15 3.00
N ALA A 125 -7.52 12.12 2.95
CA ALA A 125 -7.31 13.31 2.13
C ALA A 125 -6.02 14.06 2.50
N ALA A 126 -5.80 14.28 3.80
CA ALA A 126 -4.62 14.98 4.28
C ALA A 126 -3.34 14.24 3.89
N SER A 127 -3.37 12.91 3.92
CA SER A 127 -2.18 12.12 3.56
C SER A 127 -1.82 12.28 2.09
N ALA A 128 -2.81 12.62 1.26
CA ALA A 128 -2.54 12.87 -0.15
C ALA A 128 -2.16 14.34 -0.38
N TYR A 129 -3.06 15.25 -0.04
CA TYR A 129 -2.87 16.68 -0.29
C TYR A 129 -1.60 17.29 0.29
N TYR A 130 -1.45 17.22 1.60
CA TYR A 130 -0.39 17.95 2.28
C TYR A 130 1.00 17.45 1.92
N PHE A 131 1.09 16.22 1.43
CA PHE A 131 2.41 15.65 1.15
C PHE A 131 2.75 15.63 -0.34
N SER A 132 1.86 16.20 -1.15
CA SER A 132 1.95 16.12 -2.62
C SER A 132 2.92 17.11 -3.26
N GLY A 133 3.18 18.22 -2.60
CA GLY A 133 3.97 19.27 -3.21
C GLY A 133 3.18 20.12 -4.18
N GLU A 134 1.86 19.93 -4.21
CA GLU A 134 0.96 20.77 -5.01
C GLU A 134 0.09 21.59 -4.06
N ASP A 135 -0.13 22.86 -4.35
CA ASP A 135 -0.85 23.70 -3.40
C ASP A 135 -2.36 23.59 -3.53
N ARG A 136 -2.83 22.92 -4.58
CA ARG A 136 -4.27 22.79 -4.78
C ARG A 136 -4.65 21.64 -5.71
N GLY A 137 -5.86 21.13 -5.53
CA GLY A 137 -6.36 20.11 -6.44
C GLY A 137 -7.67 19.50 -6.04
N ALA A 138 -8.15 18.57 -6.87
CA ALA A 138 -9.37 17.82 -6.60
C ALA A 138 -9.04 16.60 -5.74
N VAL A 139 -9.89 16.34 -4.75
CA VAL A 139 -9.69 15.19 -3.87
C VAL A 139 -10.71 14.10 -4.12
N LEU A 140 -10.20 12.90 -4.39
CA LEU A 140 -11.02 11.70 -4.52
C LEU A 140 -10.57 10.67 -3.50
N ILE A 141 -11.44 10.39 -2.53
CA ILE A 141 -11.19 9.35 -1.54
C ILE A 141 -12.13 8.18 -1.79
N VAL A 142 -11.56 7.01 -1.99
CA VAL A 142 -12.36 5.82 -2.25
C VAL A 142 -11.80 4.65 -1.46
N ASP A 143 -12.56 4.14 -0.51
CA ASP A 143 -12.07 2.99 0.25
C ASP A 143 -13.18 1.98 0.48
N GLY A 144 -13.04 1.18 1.53
CA GLY A 144 -14.10 0.26 1.91
C GLY A 144 -15.21 1.08 2.55
N GLN A 145 -14.89 1.68 3.70
CA GLN A 145 -15.83 2.59 4.36
C GLN A 145 -15.15 3.31 5.52
N GLY A 146 -15.39 4.61 5.62
CA GLY A 146 -15.03 5.37 6.80
C GLY A 146 -16.08 5.21 7.88
N GLU A 147 -16.39 6.28 8.61
CA GLU A 147 -17.44 6.15 9.62
C GLU A 147 -18.81 5.86 8.99
N GLU A 148 -19.09 6.47 7.84
CA GLU A 148 -20.37 6.30 7.16
C GLU A 148 -20.18 6.07 5.66
N GLU A 149 -19.37 6.93 5.06
CA GLU A 149 -19.26 7.04 3.62
C GLU A 149 -18.12 6.18 3.06
N CYS A 150 -18.25 5.78 1.79
CA CYS A 150 -17.23 4.96 1.12
C CYS A 150 -16.49 5.77 0.05
N VAL A 151 -17.07 6.92 -0.30
CA VAL A 151 -16.43 7.86 -1.20
C VAL A 151 -16.57 9.27 -0.65
N THR A 152 -15.53 10.07 -0.81
CA THR A 152 -15.56 11.50 -0.51
C THR A 152 -14.95 12.25 -1.69
N LEU A 153 -15.67 13.27 -2.17
CA LEU A 153 -15.14 14.18 -3.17
C LEU A 153 -14.88 15.49 -2.44
N ALA A 154 -13.71 16.07 -2.64
CA ALA A 154 -13.40 17.29 -1.93
C ALA A 154 -12.49 18.22 -2.72
N HIS A 155 -12.38 19.46 -2.24
CA HIS A 155 -11.53 20.45 -2.87
C HIS A 155 -10.40 20.79 -1.91
N ALA A 156 -9.18 20.63 -2.40
CA ALA A 156 -8.00 20.97 -1.65
C ALA A 156 -7.42 22.29 -2.20
N GLU A 157 -7.39 23.32 -1.36
CA GLU A 157 -6.84 24.61 -1.77
C GLU A 157 -6.49 25.47 -0.57
N GLY A 158 -5.45 26.29 -0.70
CA GLY A 158 -5.06 27.19 0.36
C GLY A 158 -4.86 26.51 1.70
N GLY A 159 -4.45 25.24 1.67
CA GLY A 159 -4.19 24.50 2.91
C GLY A 159 -5.45 23.93 3.55
N LYS A 160 -6.59 24.09 2.90
CA LYS A 160 -7.85 23.56 3.44
C LYS A 160 -8.39 22.46 2.55
N ILE A 161 -9.17 21.57 3.15
CA ILE A 161 -9.84 20.51 2.43
C ILE A 161 -11.31 20.64 2.74
N THR A 162 -12.10 20.87 1.70
CA THR A 162 -13.54 21.10 1.84
C THR A 162 -14.30 19.99 1.11
N VAL A 163 -15.13 19.27 1.86
CA VAL A 163 -15.92 18.18 1.32
C VAL A 163 -17.05 18.70 0.43
N LEU A 164 -17.17 18.15 -0.78
CA LEU A 164 -18.24 18.53 -1.72
C LEU A 164 -19.39 17.53 -1.74
N ASP A 165 -19.08 16.24 -1.75
CA ASP A 165 -20.07 15.17 -1.71
C ASP A 165 -19.46 13.89 -1.15
N THR A 166 -20.33 12.97 -0.73
CA THR A 166 -19.93 11.65 -0.26
C THR A 166 -20.88 10.60 -0.84
N VAL A 167 -20.48 9.34 -0.78
CA VAL A 167 -21.33 8.21 -1.14
C VAL A 167 -21.49 7.30 0.07
N PRO A 168 -22.73 6.87 0.34
CA PRO A 168 -23.04 5.96 1.47
C PRO A 168 -22.32 4.60 1.39
N GLY A 169 -22.02 4.01 2.54
CA GLY A 169 -21.20 2.80 2.61
C GLY A 169 -21.70 1.59 1.85
N ALA A 170 -23.02 1.43 1.75
CA ALA A 170 -23.58 0.25 1.09
C ALA A 170 -23.18 0.19 -0.39
N TRP A 171 -22.81 1.34 -0.95
CA TRP A 171 -22.43 1.42 -2.35
C TRP A 171 -20.92 1.37 -2.56
N SER A 172 -20.21 0.82 -1.57
CA SER A 172 -18.75 0.80 -1.56
C SER A 172 -18.11 0.05 -2.74
N LEU A 173 -17.25 0.76 -3.45
CA LEU A 173 -16.45 0.14 -4.50
C LEU A 173 -15.40 -0.76 -3.89
N GLY A 174 -14.95 -0.42 -2.68
CA GLY A 174 -13.96 -1.20 -1.98
C GLY A 174 -14.51 -2.55 -1.55
N PHE A 175 -15.68 -2.51 -0.94
CA PHE A 175 -16.37 -3.74 -0.55
C PHE A 175 -16.66 -4.61 -1.78
N PHE A 176 -17.19 -4.00 -2.83
CA PHE A 176 -17.45 -4.69 -4.09
C PHE A 176 -16.22 -5.49 -4.55
N TYR A 177 -15.09 -4.80 -4.64
CA TYR A 177 -13.87 -5.37 -5.19
C TYR A 177 -13.37 -6.52 -4.30
N GLU A 178 -13.49 -6.30 -2.99
CA GLU A 178 -13.10 -7.27 -1.97
C GLU A 178 -13.97 -8.51 -2.06
N HIS A 179 -15.27 -8.28 -2.21
CA HIS A 179 -16.20 -9.40 -2.26
C HIS A 179 -15.97 -10.24 -3.53
N VAL A 180 -15.70 -9.59 -4.66
CA VAL A 180 -15.39 -10.31 -5.89
C VAL A 180 -14.12 -11.12 -5.66
N SER A 181 -13.14 -10.49 -5.02
CA SER A 181 -11.89 -11.16 -4.69
C SER A 181 -12.11 -12.41 -3.85
N GLU A 182 -12.94 -12.27 -2.81
CA GLU A 182 -13.30 -13.40 -1.96
C GLU A 182 -14.01 -14.48 -2.81
N TYR A 183 -14.95 -14.04 -3.65
CA TYR A 183 -15.75 -14.93 -4.47
C TYR A 183 -14.89 -15.84 -5.36
N THR A 184 -13.82 -15.28 -5.91
CA THR A 184 -12.95 -16.01 -6.84
C THR A 184 -12.05 -17.00 -6.14
N GLY A 185 -12.00 -16.91 -4.81
CA GLY A 185 -11.10 -17.73 -4.01
C GLY A 185 -9.73 -17.08 -3.78
N LEU A 186 -9.46 -15.95 -4.42
CA LEU A 186 -8.24 -15.20 -4.16
C LEU A 186 -8.25 -14.66 -2.73
N GLY A 187 -9.45 -14.35 -2.24
CA GLY A 187 -9.61 -13.92 -0.85
C GLY A 187 -9.83 -12.43 -0.74
N GLY A 188 -10.74 -12.02 0.14
CA GLY A 188 -11.06 -10.61 0.31
C GLY A 188 -9.86 -9.79 0.77
N ASP A 189 -8.89 -10.47 1.38
CA ASP A 189 -7.70 -9.82 1.90
C ASP A 189 -6.61 -9.68 0.85
N ASN A 190 -6.89 -10.15 -0.36
CA ASN A 190 -5.93 -10.11 -1.47
C ASN A 190 -6.46 -9.42 -2.73
N PRO A 191 -7.06 -8.24 -2.57
CA PRO A 191 -7.57 -7.57 -3.77
C PRO A 191 -6.46 -7.29 -4.81
N GLY A 192 -5.22 -7.12 -4.35
CA GLY A 192 -4.11 -6.96 -5.28
C GLY A 192 -3.97 -8.15 -6.21
N LYS A 193 -4.29 -9.36 -5.74
CA LYS A 193 -4.23 -10.53 -6.62
C LYS A 193 -5.27 -10.44 -7.71
N LEU A 194 -6.46 -9.93 -7.36
CA LEU A 194 -7.54 -9.77 -8.33
C LEU A 194 -7.11 -8.79 -9.42
N MET A 195 -6.45 -7.72 -9.01
CA MET A 195 -5.97 -6.72 -9.96
C MET A 195 -5.03 -7.37 -10.96
N GLY A 196 -4.17 -8.25 -10.47
CA GLY A 196 -3.21 -8.93 -11.32
C GLY A 196 -3.91 -9.89 -12.26
N LEU A 197 -4.95 -10.56 -11.78
CA LEU A 197 -5.64 -11.60 -12.56
C LEU A 197 -6.38 -10.98 -13.74
N ALA A 198 -6.86 -9.76 -13.55
CA ALA A 198 -7.74 -9.09 -14.50
C ALA A 198 -7.21 -9.07 -15.94
N ALA A 199 -5.91 -8.81 -16.11
CA ALA A 199 -5.34 -8.71 -17.45
C ALA A 199 -5.40 -10.04 -18.24
N HIS A 200 -5.56 -11.15 -17.53
CA HIS A 200 -5.58 -12.47 -18.15
C HIS A 200 -6.96 -12.82 -18.65
N GLY A 201 -7.94 -11.98 -18.31
CA GLY A 201 -9.31 -12.27 -18.66
C GLY A 201 -9.90 -11.32 -19.67
N THR A 202 -11.17 -11.54 -20.00
CA THR A 202 -11.90 -10.72 -20.95
C THR A 202 -13.22 -10.23 -20.38
N THR A 203 -13.51 -8.95 -20.63
CA THR A 203 -14.76 -8.34 -20.23
C THR A 203 -15.79 -8.39 -21.33
N VAL A 204 -17.00 -8.82 -21.02
CA VAL A 204 -18.10 -8.71 -21.96
C VAL A 204 -19.08 -7.62 -21.54
N ASP A 205 -19.41 -7.60 -20.25
CA ASP A 205 -20.44 -6.71 -19.73
C ASP A 205 -19.98 -6.04 -18.45
N GLU A 206 -19.34 -4.89 -18.58
CA GLU A 206 -18.75 -4.20 -17.44
C GLU A 206 -19.73 -3.68 -16.39
N THR A 207 -21.02 -3.81 -16.62
CA THR A 207 -22.02 -3.47 -15.60
C THR A 207 -22.17 -4.58 -14.56
N LEU A 208 -21.87 -5.81 -14.95
CA LEU A 208 -22.15 -6.96 -14.10
C LEU A 208 -23.62 -6.98 -13.73
N SER A 209 -24.47 -6.37 -14.57
CA SER A 209 -25.89 -6.30 -14.29
C SER A 209 -26.16 -5.68 -12.92
N ALA A 210 -25.23 -4.88 -12.44
CA ALA A 210 -25.34 -4.27 -11.11
C ALA A 210 -25.13 -2.75 -11.16
N PHE A 211 -24.02 -2.34 -11.79
CA PHE A 211 -23.69 -0.94 -11.94
C PHE A 211 -24.44 -0.30 -13.11
N ALA A 212 -24.94 0.92 -12.90
CA ALA A 212 -25.25 1.80 -14.03
C ALA A 212 -24.24 2.94 -13.98
N PHE A 213 -23.64 3.24 -15.12
CA PHE A 213 -22.61 4.29 -15.14
C PHE A 213 -23.12 5.62 -15.69
N ASP A 214 -22.57 6.70 -15.16
CA ASP A 214 -22.91 8.03 -15.64
C ASP A 214 -21.67 8.92 -15.59
N SER A 215 -21.81 10.11 -16.15
CA SER A 215 -20.68 11.02 -16.31
CA SER A 215 -20.70 11.05 -16.29
C SER A 215 -20.04 11.43 -14.97
N ASP A 216 -20.76 11.25 -13.87
CA ASP A 216 -20.27 11.65 -12.55
C ASP A 216 -19.90 10.49 -11.62
N GLY A 217 -19.96 9.26 -12.13
CA GLY A 217 -19.71 8.10 -11.30
C GLY A 217 -20.61 6.94 -11.66
N TYR A 218 -21.44 6.51 -10.71
CA TYR A 218 -22.13 5.25 -10.85
C TYR A 218 -23.32 5.14 -9.93
N ARG A 219 -24.16 4.14 -10.21
CA ARG A 219 -25.26 3.78 -9.32
C ARG A 219 -25.27 2.27 -9.11
N LEU A 220 -25.72 1.83 -7.93
CA LEU A 220 -25.89 0.41 -7.67
C LEU A 220 -27.31 0.13 -7.20
N ASN A 221 -28.19 -0.19 -8.12
CA ASN A 221 -29.56 -0.44 -7.71
C ASN A 221 -29.72 -1.85 -7.15
N LEU A 222 -28.62 -2.60 -7.16
CA LEU A 222 -28.55 -3.89 -6.47
C LEU A 222 -28.73 -3.75 -4.94
N ILE A 223 -28.37 -2.60 -4.39
CA ILE A 223 -28.43 -2.39 -2.95
C ILE A 223 -29.04 -1.04 -2.62
N ASP A 224 -29.88 -1.00 -1.61
CA ASP A 224 -30.38 0.26 -1.09
C ASP A 224 -29.18 1.05 -0.59
N PRO A 225 -28.92 2.22 -1.19
CA PRO A 225 -27.73 3.00 -0.81
C PRO A 225 -27.75 3.39 0.67
N GLN A 226 -28.92 3.38 1.29
CA GLN A 226 -29.04 3.76 2.70
C GLN A 226 -29.09 2.57 3.63
N ALA A 227 -28.89 1.37 3.08
CA ALA A 227 -28.81 0.18 3.91
C ALA A 227 -27.75 0.35 5.00
N ARG A 228 -28.12 -0.01 6.22
CA ARG A 228 -27.22 0.01 7.35
C ARG A 228 -27.35 -1.28 8.13
N ASP A 229 -26.22 -1.89 8.46
CA ASP A 229 -26.20 -3.09 9.28
C ASP A 229 -26.48 -2.68 10.72
N PRO A 230 -27.60 -3.16 11.28
CA PRO A 230 -27.95 -2.80 12.66
C PRO A 230 -27.12 -3.60 13.65
N GLU A 231 -26.50 -4.68 13.17
CA GLU A 231 -25.77 -5.60 14.03
C GLU A 231 -24.26 -5.40 13.98
N ASP A 232 -23.81 -4.49 13.11
CA ASP A 232 -22.39 -4.18 13.04
C ASP A 232 -22.19 -2.68 12.94
N TRP A 233 -20.94 -2.24 12.83
CA TRP A 233 -20.68 -0.80 12.72
C TRP A 233 -20.20 -0.35 11.34
N ASP A 234 -20.21 -1.25 10.37
CA ASP A 234 -20.13 -0.85 8.97
C ASP A 234 -20.91 -1.80 8.10
N GLU A 235 -20.96 -1.49 6.81
CA GLU A 235 -21.81 -2.19 5.87
C GLU A 235 -21.12 -3.36 5.16
N TYR A 236 -19.99 -3.83 5.70
CA TYR A 236 -19.25 -4.93 5.09
C TYR A 236 -20.12 -6.16 4.88
N SER A 237 -20.79 -6.60 5.94
CA SER A 237 -21.57 -7.83 5.88
C SER A 237 -22.83 -7.71 5.00
N VAL A 238 -23.46 -6.54 5.00
CA VAL A 238 -24.64 -6.34 4.18
C VAL A 238 -24.24 -6.44 2.71
N THR A 239 -23.19 -5.72 2.33
CA THR A 239 -22.71 -5.74 0.95
C THR A 239 -22.19 -7.12 0.54
N GLU A 240 -21.58 -7.84 1.48
CA GLU A 240 -21.05 -9.16 1.17
C GLU A 240 -22.17 -10.10 0.72
N ARG A 241 -23.28 -10.07 1.45
CA ARG A 241 -24.40 -10.93 1.14
C ARG A 241 -25.02 -10.53 -0.20
N ALA A 242 -25.20 -9.23 -0.40
CA ALA A 242 -25.80 -8.75 -1.65
C ALA A 242 -24.94 -9.13 -2.86
N TRP A 243 -23.63 -8.92 -2.76
CA TRP A 243 -22.73 -9.22 -3.85
C TRP A 243 -22.61 -10.72 -4.11
N PHE A 244 -22.52 -11.51 -3.05
CA PHE A 244 -22.41 -12.95 -3.25
C PHE A 244 -23.68 -13.53 -3.87
N ALA A 245 -24.84 -13.09 -3.41
CA ALA A 245 -26.09 -13.52 -4.03
C ALA A 245 -26.13 -13.10 -5.48
N HIS A 246 -25.77 -11.85 -5.74
CA HIS A 246 -25.88 -11.31 -7.11
C HIS A 246 -24.93 -12.05 -8.06
N LEU A 247 -23.70 -12.25 -7.63
CA LEU A 247 -22.68 -12.84 -8.49
C LEU A 247 -23.03 -14.27 -8.85
N GLU A 248 -23.54 -15.01 -7.87
CA GLU A 248 -23.88 -16.39 -8.11
C GLU A 248 -25.05 -16.48 -9.08
N ARG A 249 -25.89 -15.45 -9.07
CA ARG A 249 -27.01 -15.38 -9.99
C ARG A 249 -26.54 -15.09 -11.43
N ILE A 250 -25.62 -14.15 -11.60
CA ILE A 250 -25.29 -13.70 -12.97
C ILE A 250 -24.03 -14.31 -13.58
N TYR A 251 -23.16 -14.89 -12.77
CA TYR A 251 -21.90 -15.42 -13.27
C TYR A 251 -21.97 -16.95 -13.37
N ARG A 252 -21.36 -17.50 -14.41
CA ARG A 252 -21.49 -18.92 -14.69
C ARG A 252 -20.90 -19.83 -13.59
N LEU A 253 -19.94 -19.31 -12.83
CA LEU A 253 -19.38 -20.08 -11.70
C LEU A 253 -19.95 -19.64 -10.37
N PRO A 254 -20.28 -20.60 -9.49
CA PRO A 254 -20.65 -20.24 -8.11
C PRO A 254 -19.41 -19.78 -7.33
N PRO A 255 -19.59 -19.36 -6.06
CA PRO A 255 -18.40 -18.95 -5.29
C PRO A 255 -17.38 -20.08 -5.21
N ASN A 256 -16.10 -19.72 -5.32
CA ASN A 256 -15.02 -20.66 -5.06
C ASN A 256 -14.98 -20.88 -3.56
N GLU A 257 -14.89 -22.13 -3.11
CA GLU A 257 -14.88 -22.37 -1.66
C GLU A 257 -13.49 -22.68 -1.17
N PHE A 258 -13.24 -22.35 0.09
CA PHE A 258 -11.98 -22.68 0.74
C PHE A 258 -12.00 -24.07 1.32
N VAL A 259 -10.88 -24.77 1.17
CA VAL A 259 -10.74 -26.16 1.56
C VAL A 259 -9.64 -26.21 2.60
N ARG A 260 -9.89 -26.90 3.71
CA ARG A 260 -8.87 -27.06 4.76
C ARG A 260 -8.64 -28.54 4.95
N ARG A 261 -7.45 -29.00 4.59
CA ARG A 261 -7.17 -30.42 4.67
C ARG A 261 -5.75 -30.68 5.16
N TYR A 262 -5.56 -31.78 5.87
CA TYR A 262 -4.23 -32.13 6.33
C TYR A 262 -3.36 -32.49 5.12
N ASP A 263 -2.22 -31.83 5.02
CA ASP A 263 -1.29 -32.08 3.94
C ASP A 263 -0.08 -32.83 4.51
N PRO A 264 0.05 -34.13 4.19
CA PRO A 264 1.11 -34.94 4.81
C PRO A 264 2.54 -34.50 4.50
N ALA A 265 2.72 -33.78 3.39
CA ALA A 265 4.04 -33.26 3.06
C ALA A 265 4.41 -32.03 3.90
N LYS A 266 3.40 -31.33 4.42
CA LYS A 266 3.65 -30.15 5.26
C LYS A 266 3.45 -30.48 6.74
N GLY A 267 2.78 -31.60 7.01
CA GLY A 267 2.49 -32.00 8.37
C GLY A 267 1.56 -31.04 9.10
N ARG A 268 0.65 -30.41 8.36
CA ARG A 268 -0.30 -29.51 8.98
C ARG A 268 -1.54 -29.33 8.09
N VAL A 269 -2.64 -28.86 8.67
CA VAL A 269 -3.80 -28.49 7.88
C VAL A 269 -3.46 -27.23 7.10
N VAL A 270 -3.65 -27.28 5.79
CA VAL A 270 -3.42 -26.11 4.96
C VAL A 270 -4.72 -25.66 4.30
N ARG A 271 -4.82 -24.37 4.03
CA ARG A 271 -5.98 -23.81 3.36
C ARG A 271 -5.73 -23.70 1.86
N ASP A 272 -6.67 -24.19 1.06
CA ASP A 272 -6.58 -24.14 -0.38
C ASP A 272 -7.96 -23.74 -0.91
N THR A 273 -8.11 -23.70 -2.22
CA THR A 273 -9.40 -23.42 -2.84
C THR A 273 -9.90 -24.63 -3.64
N ARG A 274 -11.22 -24.79 -3.71
CA ARG A 274 -11.83 -25.88 -4.45
C ARG A 274 -11.52 -25.79 -5.95
N ARG A 275 -11.72 -24.60 -6.52
CA ARG A 275 -11.37 -24.37 -7.92
C ARG A 275 -10.11 -23.53 -8.01
N ASP A 276 -9.44 -23.59 -9.16
CA ASP A 276 -8.36 -22.65 -9.46
C ASP A 276 -8.97 -21.27 -9.69
N PRO A 277 -8.52 -20.26 -8.93
CA PRO A 277 -9.06 -18.90 -9.11
C PRO A 277 -8.83 -18.35 -10.53
N TYR A 278 -7.80 -18.84 -11.22
CA TYR A 278 -7.54 -18.42 -12.61
C TYR A 278 -8.79 -18.64 -13.47
N GLU A 279 -9.59 -19.64 -13.08
CA GLU A 279 -10.85 -19.93 -13.77
C GLU A 279 -11.79 -18.73 -13.81
N TYR A 280 -11.66 -17.84 -12.83
CA TYR A 280 -12.56 -16.68 -12.69
C TYR A 280 -11.98 -15.45 -13.36
N ARG A 281 -10.92 -15.64 -14.15
CA ARG A 281 -10.24 -14.50 -14.76
C ARG A 281 -11.17 -13.50 -15.47
N ASP A 282 -12.22 -14.02 -16.09
CA ASP A 282 -13.16 -13.17 -16.81
C ASP A 282 -13.95 -12.28 -15.85
N LEU A 283 -14.35 -12.85 -14.70
CA LEU A 283 -14.98 -12.07 -13.65
C LEU A 283 -14.01 -11.00 -13.12
N ALA A 284 -12.73 -11.37 -12.98
CA ALA A 284 -11.72 -10.41 -12.55
C ALA A 284 -11.60 -9.24 -13.52
N ALA A 285 -11.49 -9.56 -14.81
CA ALA A 285 -11.39 -8.53 -15.85
C ALA A 285 -12.62 -7.62 -15.80
N THR A 286 -13.78 -8.23 -15.63
CA THR A 286 -15.03 -7.48 -15.62
C THR A 286 -15.17 -6.60 -14.39
N ALA A 287 -14.74 -7.11 -13.24
CA ALA A 287 -14.76 -6.35 -12.00
C ALA A 287 -13.79 -5.17 -12.08
N GLN A 288 -12.61 -5.41 -12.65
CA GLN A 288 -11.65 -4.33 -12.83
C GLN A 288 -12.20 -3.22 -13.75
N ALA A 289 -12.83 -3.60 -14.85
CA ALA A 289 -13.37 -2.61 -15.78
C ALA A 289 -14.50 -1.79 -15.12
N ALA A 290 -15.35 -2.46 -14.35
CA ALA A 290 -16.42 -1.77 -13.63
C ALA A 290 -15.85 -0.75 -12.66
N LEU A 291 -14.82 -1.15 -11.92
CA LEU A 291 -14.20 -0.28 -10.95
C LEU A 291 -13.64 0.96 -11.64
N GLU A 292 -12.83 0.73 -12.67
CA GLU A 292 -12.29 1.83 -13.46
C GLU A 292 -13.40 2.76 -13.95
N ARG A 293 -14.44 2.18 -14.55
CA ARG A 293 -15.50 2.98 -15.11
C ARG A 293 -16.12 3.87 -14.03
N ALA A 294 -16.43 3.29 -12.88
CA ALA A 294 -17.03 4.05 -11.79
C ALA A 294 -16.09 5.18 -11.34
N VAL A 295 -14.82 4.86 -11.11
CA VAL A 295 -13.87 5.84 -10.61
C VAL A 295 -13.59 6.96 -11.63
N PHE A 296 -13.52 6.63 -12.92
CA PHE A 296 -13.35 7.65 -13.96
C PHE A 296 -14.46 8.69 -13.85
N GLY A 297 -15.69 8.23 -13.70
CA GLY A 297 -16.83 9.11 -13.48
C GLY A 297 -16.61 10.01 -12.27
N LEU A 298 -16.29 9.42 -11.13
CA LEU A 298 -16.08 10.19 -9.90
C LEU A 298 -14.99 11.22 -10.09
N ALA A 299 -13.90 10.77 -10.71
CA ALA A 299 -12.73 11.62 -10.90
C ALA A 299 -13.05 12.79 -11.84
N ASP A 300 -13.67 12.50 -12.99
CA ASP A 300 -14.09 13.56 -13.92
C ASP A 300 -14.98 14.55 -13.17
N SER A 301 -15.85 14.03 -12.32
CA SER A 301 -16.84 14.87 -11.65
C SER A 301 -16.17 15.88 -10.75
N VAL A 302 -15.34 15.39 -9.82
CA VAL A 302 -14.75 16.27 -8.83
C VAL A 302 -13.74 17.25 -9.45
N LEU A 303 -13.04 16.81 -10.49
CA LEU A 303 -12.16 17.71 -11.25
C LEU A 303 -12.95 18.85 -11.91
N ALA A 304 -14.10 18.52 -12.49
CA ALA A 304 -14.95 19.52 -13.14
C ALA A 304 -15.55 20.48 -12.12
N ARG A 305 -16.08 19.94 -11.02
CA ARG A 305 -16.72 20.76 -10.00
C ARG A 305 -15.75 21.70 -9.30
N THR A 306 -14.48 21.31 -9.22
CA THR A 306 -13.49 22.11 -8.52
C THR A 306 -12.71 23.02 -9.47
N GLY A 307 -12.80 22.75 -10.76
CA GLY A 307 -12.06 23.51 -11.75
C GLY A 307 -10.57 23.24 -11.67
N GLU A 308 -10.21 22.09 -11.10
CA GLU A 308 -8.79 21.72 -10.98
C GLU A 308 -8.42 20.70 -12.02
N ARG A 309 -7.12 20.60 -12.32
CA ARG A 309 -6.62 19.56 -13.20
C ARG A 309 -5.53 18.72 -12.51
N THR A 310 -5.39 18.93 -11.21
CA THR A 310 -4.55 18.05 -10.39
C THR A 310 -5.43 17.20 -9.49
N LEU A 311 -5.20 15.89 -9.52
CA LEU A 311 -6.04 14.93 -8.84
C LEU A 311 -5.30 14.26 -7.69
N PHE A 312 -5.87 14.34 -6.50
CA PHE A 312 -5.36 13.60 -5.35
C PHE A 312 -6.26 12.40 -5.08
N VAL A 313 -5.67 11.23 -4.95
CA VAL A 313 -6.44 10.02 -4.64
C VAL A 313 -5.86 9.34 -3.41
N ALA A 314 -6.73 8.89 -2.52
CA ALA A 314 -6.32 8.08 -1.37
C ALA A 314 -7.51 7.21 -0.93
N GLY A 315 -7.33 6.43 0.13
CA GLY A 315 -8.26 5.35 0.43
C GLY A 315 -7.73 4.06 -0.19
N GLY A 316 -8.13 2.91 0.34
CA GLY A 316 -7.58 1.64 -0.13
C GLY A 316 -7.75 1.36 -1.62
N VAL A 317 -8.83 1.87 -2.22
CA VAL A 317 -9.04 1.61 -3.62
C VAL A 317 -7.96 2.32 -4.43
N GLY A 318 -7.37 3.35 -3.82
CA GLY A 318 -6.22 4.05 -4.38
C GLY A 318 -5.01 3.16 -4.56
N LEU A 319 -5.04 1.96 -4.00
CA LEU A 319 -3.98 0.99 -4.23
C LEU A 319 -4.15 0.32 -5.60
N ASN A 320 -5.24 0.62 -6.29
CA ASN A 320 -5.43 0.03 -7.60
C ASN A 320 -4.56 0.74 -8.65
N ALA A 321 -3.34 0.25 -8.81
CA ALA A 321 -2.35 0.93 -9.63
C ALA A 321 -2.79 0.97 -11.09
N THR A 322 -3.48 -0.08 -11.54
CA THR A 322 -4.01 -0.11 -12.91
C THR A 322 -4.98 1.04 -13.16
N MET A 323 -5.97 1.18 -12.28
CA MET A 323 -6.89 2.29 -12.32
C MET A 323 -6.15 3.64 -12.29
N ASN A 324 -5.18 3.78 -11.38
CA ASN A 324 -4.43 5.03 -11.28
C ASN A 324 -3.74 5.42 -12.58
N GLY A 325 -3.11 4.45 -13.25
CA GLY A 325 -2.40 4.70 -14.49
C GLY A 325 -3.32 5.15 -15.63
N LYS A 326 -4.54 4.61 -15.67
CA LYS A 326 -5.53 5.04 -16.66
C LYS A 326 -6.15 6.40 -16.32
N LEU A 327 -6.31 6.70 -15.03
CA LEU A 327 -6.71 8.03 -14.61
C LEU A 327 -5.69 9.06 -15.07
N LEU A 328 -4.41 8.73 -14.90
CA LEU A 328 -3.33 9.64 -15.24
C LEU A 328 -3.40 9.99 -16.74
N THR A 329 -3.76 8.98 -17.52
CA THR A 329 -3.81 9.03 -18.98
C THR A 329 -4.98 9.87 -19.48
N ARG A 330 -5.89 10.17 -18.57
CA ARG A 330 -7.19 10.75 -18.88
C ARG A 330 -7.10 12.24 -19.28
N SER A 331 -7.88 12.64 -20.28
CA SER A 331 -7.82 14.02 -20.78
C SER A 331 -8.19 15.08 -19.73
N THR A 332 -8.89 14.67 -18.68
CA THR A 332 -9.31 15.59 -17.63
C THR A 332 -8.26 15.76 -16.51
N VAL A 333 -7.16 15.03 -16.59
CA VAL A 333 -6.15 15.01 -15.54
C VAL A 333 -4.79 15.44 -16.08
N ASP A 334 -4.23 16.52 -15.54
CA ASP A 334 -2.86 16.89 -15.93
C ASP A 334 -1.84 16.32 -14.94
N LYS A 335 -2.10 16.51 -13.65
CA LYS A 335 -1.21 16.00 -12.62
C LYS A 335 -1.95 15.13 -11.61
N MET A 336 -1.25 14.16 -11.05
CA MET A 336 -1.85 13.24 -10.14
C MET A 336 -0.88 12.92 -9.02
N PHE A 337 -1.37 12.91 -7.78
CA PHE A 337 -0.61 12.41 -6.65
C PHE A 337 -1.38 11.38 -5.83
N VAL A 338 -0.81 10.20 -5.68
CA VAL A 338 -1.35 9.17 -4.79
C VAL A 338 -0.22 8.79 -3.84
N PRO A 339 -0.41 8.96 -2.53
CA PRO A 339 0.65 8.62 -1.57
C PRO A 339 0.89 7.13 -1.51
N PRO A 340 2.13 6.73 -1.16
CA PRO A 340 2.41 5.29 -1.01
C PRO A 340 1.48 4.67 0.03
N VAL A 341 0.95 5.49 0.92
CA VAL A 341 0.15 4.98 2.02
C VAL A 341 -1.32 5.36 1.82
N ALA A 342 -1.86 5.03 0.65
CA ALA A 342 -3.25 5.37 0.32
C ALA A 342 -4.28 4.60 1.19
N SER A 343 -3.92 3.40 1.62
CA SER A 343 -4.79 2.62 2.49
C SER A 343 -4.81 3.21 3.91
N ASP A 344 -5.46 2.51 4.82
CA ASP A 344 -5.54 2.94 6.22
C ASP A 344 -4.19 3.08 6.92
N ILE A 345 -3.16 2.42 6.41
CA ILE A 345 -1.79 2.66 6.84
C ILE A 345 -1.53 4.17 6.90
N GLY A 346 -2.09 4.90 5.94
CA GLY A 346 -1.82 6.32 5.81
C GLY A 346 -2.64 7.27 6.67
N VAL A 347 -3.67 6.78 7.36
CA VAL A 347 -4.50 7.73 8.13
C VAL A 347 -3.85 8.17 9.45
N SER A 348 -2.81 7.44 9.87
CA SER A 348 -2.02 7.90 11.01
C SER A 348 -1.29 9.17 10.59
N LEU A 349 -0.54 9.07 9.50
CA LEU A 349 0.15 10.21 8.91
C LEU A 349 -0.83 11.35 8.59
N GLY A 350 -1.95 11.02 7.95
CA GLY A 350 -2.91 12.06 7.57
C GLY A 350 -3.58 12.74 8.75
N ALA A 351 -3.82 12.00 9.82
CA ALA A 351 -4.36 12.60 11.05
C ALA A 351 -3.32 13.56 11.63
N ALA A 352 -2.07 13.12 11.63
CA ALA A 352 -1.00 13.94 12.19
C ALA A 352 -0.85 15.23 11.38
N ALA A 353 -0.95 15.11 10.05
CA ALA A 353 -0.83 16.29 9.20
C ALA A 353 -2.00 17.25 9.39
N ALA A 354 -3.21 16.72 9.46
CA ALA A 354 -4.38 17.58 9.66
C ALA A 354 -4.23 18.37 10.95
N VAL A 355 -3.75 17.71 12.00
CA VAL A 355 -3.60 18.37 13.28
C VAL A 355 -2.43 19.34 13.29
N ALA A 356 -1.32 18.95 12.67
CA ALA A 356 -0.15 19.83 12.62
C ALA A 356 -0.51 21.11 11.88
N VAL A 357 -1.26 20.98 10.80
CA VAL A 357 -1.70 22.15 10.04
C VAL A 357 -2.59 23.05 10.88
N GLU A 358 -3.53 22.45 11.59
CA GLU A 358 -4.42 23.18 12.48
C GLU A 358 -3.62 23.90 13.55
N LEU A 359 -2.48 23.33 13.95
CA LEU A 359 -1.62 23.93 14.96
C LEU A 359 -0.62 24.95 14.39
N GLY A 360 -0.66 25.17 13.08
CA GLY A 360 0.13 26.23 12.46
C GLY A 360 1.38 25.79 11.69
N ASP A 361 1.60 24.49 11.58
CA ASP A 361 2.76 24.01 10.83
C ASP A 361 2.52 23.95 9.33
N ARG A 362 3.59 23.96 8.55
CA ARG A 362 3.50 23.72 7.13
C ARG A 362 4.08 22.35 6.86
N ILE A 363 3.40 21.57 6.03
CA ILE A 363 3.80 20.19 5.77
C ILE A 363 4.72 20.08 4.57
N ALA A 364 5.90 19.49 4.78
CA ALA A 364 6.85 19.27 3.71
C ALA A 364 6.39 18.20 2.72
N PRO A 365 6.81 18.32 1.45
CA PRO A 365 6.47 17.27 0.48
C PRO A 365 7.14 15.96 0.88
N MET A 366 6.43 14.87 0.64
CA MET A 366 6.93 13.53 0.91
C MET A 366 8.30 13.31 0.27
N GLY A 367 8.45 13.74 -0.99
CA GLY A 367 9.76 13.76 -1.62
C GLY A 367 10.27 12.50 -2.28
N ASP A 368 9.42 11.78 -3.00
CA ASP A 368 9.87 10.65 -3.81
C ASP A 368 10.52 9.56 -3.00
N THR A 369 10.10 9.41 -1.74
CA THR A 369 10.65 8.37 -0.89
C THR A 369 9.58 7.93 0.12
N ALA A 370 9.61 6.66 0.50
CA ALA A 370 8.73 6.13 1.53
C ALA A 370 9.57 5.54 2.67
N ALA A 371 10.86 5.86 2.68
CA ALA A 371 11.80 5.20 3.59
C ALA A 371 11.82 5.87 4.97
N TRP A 372 10.80 5.57 5.79
CA TRP A 372 10.72 6.22 7.09
C TRP A 372 10.72 5.26 8.26
N GLY A 373 10.77 3.96 7.99
CA GLY A 373 10.78 2.98 9.07
C GLY A 373 12.17 2.81 9.62
N PRO A 374 12.38 1.76 10.41
CA PRO A 374 13.69 1.63 11.06
C PRO A 374 14.84 1.28 10.13
N GLU A 375 16.03 1.74 10.49
CA GLU A 375 17.25 1.32 9.85
C GLU A 375 18.25 0.78 10.89
N PHE A 376 19.26 0.09 10.40
CA PHE A 376 20.18 -0.58 11.27
C PHE A 376 21.61 -0.26 10.87
N SER A 377 22.45 0.00 11.87
CA SER A 377 23.83 0.33 11.60
C SER A 377 24.58 -0.95 11.26
N PRO A 378 25.78 -0.80 10.67
CA PRO A 378 26.66 -1.96 10.43
C PRO A 378 26.84 -2.84 11.66
N ASP A 379 27.06 -2.22 12.82
CA ASP A 379 27.22 -2.99 14.06
C ASP A 379 25.98 -3.82 14.39
N GLN A 380 24.81 -3.20 14.31
CA GLN A 380 23.57 -3.95 14.53
C GLN A 380 23.38 -5.09 13.54
N VAL A 381 23.74 -4.87 12.27
CA VAL A 381 23.59 -5.91 11.25
C VAL A 381 24.56 -7.07 11.49
N ARG A 382 25.81 -6.71 11.79
CA ARG A 382 26.85 -7.68 12.10
C ARG A 382 26.49 -8.57 13.31
N ALA A 383 25.75 -8.01 14.26
CA ALA A 383 25.32 -8.78 15.41
C ALA A 383 24.25 -9.80 15.06
N ALA A 384 23.39 -9.45 14.11
CA ALA A 384 22.41 -10.43 13.61
C ALA A 384 23.11 -11.47 12.73
N LEU A 385 24.10 -11.03 11.95
CA LEU A 385 24.91 -11.94 11.13
C LEU A 385 25.64 -12.98 11.99
N ASP A 386 26.30 -12.50 13.04
CA ASP A 386 27.06 -13.36 13.91
C ASP A 386 26.15 -14.34 14.66
N ARG A 387 24.96 -13.88 15.01
CA ARG A 387 23.96 -14.76 15.61
C ARG A 387 23.75 -16.05 14.81
N THR A 388 23.82 -15.96 13.48
CA THR A 388 23.48 -17.08 12.62
C THR A 388 24.70 -17.94 12.30
N GLY A 389 25.89 -17.34 12.41
CA GLY A 389 27.12 -18.03 12.08
C GLY A 389 27.27 -18.35 10.61
N LEU A 390 26.67 -17.53 9.76
CA LEU A 390 26.92 -17.62 8.32
C LEU A 390 28.16 -16.81 8.01
N ALA A 391 28.94 -17.27 7.03
CA ALA A 391 30.07 -16.49 6.54
C ALA A 391 29.55 -15.33 5.71
N TYR A 392 30.32 -14.25 5.61
CA TYR A 392 29.91 -13.09 4.84
C TYR A 392 31.09 -12.17 4.55
N ARG A 393 30.91 -11.30 3.58
CA ARG A 393 31.96 -10.36 3.20
C ARG A 393 31.48 -8.93 3.34
N GLU A 394 32.41 -8.00 3.22
CA GLU A 394 32.07 -6.59 3.17
C GLU A 394 32.73 -6.03 1.93
N PRO A 395 32.09 -6.21 0.77
CA PRO A 395 32.66 -5.86 -0.53
C PRO A 395 33.09 -4.40 -0.55
N ALA A 396 34.18 -4.10 -1.24
CA ALA A 396 34.65 -2.72 -1.36
C ALA A 396 33.66 -1.88 -2.17
N ASN A 397 33.02 -2.53 -3.15
CA ASN A 397 31.97 -1.90 -3.93
C ASN A 397 30.74 -2.81 -3.97
N LEU A 398 29.90 -2.69 -2.95
CA LEU A 398 28.70 -3.50 -2.84
C LEU A 398 27.77 -3.36 -4.05
N GLU A 399 27.58 -2.14 -4.51
CA GLU A 399 26.62 -1.86 -5.57
C GLU A 399 27.05 -2.51 -6.88
N ARG A 400 28.34 -2.47 -7.17
CA ARG A 400 28.86 -3.09 -8.39
C ARG A 400 28.67 -4.60 -8.35
N GLU A 401 28.96 -5.22 -7.20
CA GLU A 401 28.86 -6.66 -7.08
C GLU A 401 27.41 -7.13 -7.19
N VAL A 402 26.50 -6.40 -6.56
CA VAL A 402 25.07 -6.73 -6.65
C VAL A 402 24.57 -6.63 -8.09
N ALA A 403 24.96 -5.58 -8.79
CA ALA A 403 24.57 -5.41 -10.19
C ALA A 403 25.08 -6.59 -11.03
N ALA A 404 26.30 -7.02 -10.77
CA ALA A 404 26.87 -8.14 -11.53
C ALA A 404 26.09 -9.42 -11.22
N LEU A 405 25.72 -9.62 -9.95
CA LEU A 405 24.93 -10.78 -9.56
C LEU A 405 23.55 -10.74 -10.24
N ILE A 406 22.94 -9.57 -10.30
CA ILE A 406 21.67 -9.41 -10.97
C ILE A 406 21.79 -9.70 -12.46
N ALA A 407 22.80 -9.13 -13.10
CA ALA A 407 23.01 -9.34 -14.55
C ALA A 407 23.13 -10.81 -14.92
N SER A 408 23.77 -11.58 -14.04
CA SER A 408 24.03 -13.00 -14.30
C SER A 408 22.83 -13.90 -14.05
N GLY A 409 21.72 -13.32 -13.61
CA GLY A 409 20.50 -14.06 -13.36
C GLY A 409 20.28 -14.51 -11.92
N LYS A 410 21.07 -13.95 -10.99
CA LYS A 410 20.91 -14.27 -9.57
C LYS A 410 19.83 -13.39 -8.93
N VAL A 411 19.13 -13.94 -7.94
CA VAL A 411 18.15 -13.19 -7.15
C VAL A 411 18.83 -12.70 -5.87
N VAL A 412 18.79 -11.38 -5.67
CA VAL A 412 19.51 -10.75 -4.55
C VAL A 412 18.59 -10.04 -3.56
N GLY A 413 18.65 -10.44 -2.30
CA GLY A 413 18.00 -9.71 -1.22
C GLY A 413 18.73 -8.39 -1.01
N TRP A 414 17.98 -7.32 -0.78
CA TRP A 414 18.56 -5.98 -0.66
C TRP A 414 17.86 -5.28 0.49
N ALA A 415 18.56 -5.19 1.62
CA ALA A 415 18.02 -4.62 2.84
C ALA A 415 18.94 -3.49 3.25
N GLN A 416 18.52 -2.27 2.96
CA GLN A 416 19.38 -1.10 3.14
C GLN A 416 18.54 0.03 3.72
N GLY A 417 19.16 0.84 4.58
CA GLY A 417 18.52 2.03 5.09
C GLY A 417 17.21 1.82 5.84
N ARG A 418 16.36 2.85 5.83
CA ARG A 418 15.08 2.83 6.55
C ARG A 418 14.07 2.05 5.76
N GLY A 419 13.30 1.22 6.46
CA GLY A 419 12.28 0.43 5.79
C GLY A 419 11.22 1.28 5.15
N GLU A 420 10.71 0.83 4.01
CA GLU A 420 9.58 1.45 3.32
C GLU A 420 8.32 1.37 4.17
N VAL A 421 7.48 2.40 4.09
CA VAL A 421 6.12 2.31 4.59
C VAL A 421 5.21 2.18 3.37
N GLY A 422 4.05 1.56 3.55
CA GLY A 422 3.19 1.20 2.43
C GLY A 422 3.51 -0.19 1.95
N PRO A 423 2.69 -0.73 1.04
CA PRO A 423 2.80 -2.16 0.69
C PRO A 423 3.90 -2.50 -0.33
N ARG A 424 4.58 -1.51 -0.90
CA ARG A 424 5.58 -1.76 -1.93
C ARG A 424 7.02 -1.65 -1.40
N ALA A 425 7.88 -2.58 -1.83
CA ALA A 425 9.31 -2.44 -1.58
C ALA A 425 9.87 -1.52 -2.66
N LEU A 426 10.74 -0.60 -2.24
CA LEU A 426 11.20 0.47 -3.10
C LEU A 426 12.70 0.66 -3.00
N GLY A 427 13.43 -0.45 -2.89
CA GLY A 427 14.87 -0.37 -2.76
C GLY A 427 15.38 -0.21 -1.33
N GLN A 428 14.56 -0.57 -0.34
CA GLN A 428 15.01 -0.61 1.05
C GLN A 428 14.91 -2.04 1.59
N ARG A 429 13.83 -2.72 1.21
CA ARG A 429 13.59 -4.10 1.64
C ARG A 429 13.09 -4.90 0.44
N SER A 430 13.99 -5.07 -0.54
CA SER A 430 13.63 -5.56 -1.87
C SER A 430 14.29 -6.88 -2.24
N LEU A 431 13.62 -7.65 -3.09
CA LEU A 431 14.25 -8.76 -3.76
C LEU A 431 14.47 -8.36 -5.21
N LEU A 432 15.72 -8.44 -5.65
CA LEU A 432 16.11 -7.92 -6.96
C LEU A 432 16.48 -9.04 -7.92
N GLY A 433 16.13 -8.85 -9.20
CA GLY A 433 16.45 -9.84 -10.22
C GLY A 433 16.51 -9.19 -11.56
N SER A 434 16.96 -9.93 -12.58
CA SER A 434 17.06 -9.38 -13.92
C SER A 434 15.72 -8.98 -14.54
N ALA A 435 15.67 -7.77 -15.06
CA ALA A 435 14.51 -7.30 -15.81
C ALA A 435 14.52 -7.92 -17.21
N HIS A 436 15.72 -8.27 -17.68
CA HIS A 436 15.93 -8.69 -19.06
C HIS A 436 15.76 -10.19 -19.27
N SER A 437 15.62 -10.93 -18.18
CA SER A 437 15.53 -12.39 -18.26
C SER A 437 14.10 -12.83 -18.57
N PRO A 438 13.94 -13.67 -19.60
CA PRO A 438 12.62 -14.22 -19.95
C PRO A 438 12.23 -15.40 -19.07
N THR A 439 13.11 -15.81 -18.16
CA THR A 439 12.76 -16.86 -17.22
C THR A 439 12.71 -16.38 -15.75
N MET A 440 13.09 -15.13 -15.50
CA MET A 440 13.17 -14.64 -14.13
C MET A 440 11.80 -14.64 -13.45
N ARG A 441 10.78 -14.23 -14.21
CA ARG A 441 9.43 -14.14 -13.71
C ARG A 441 8.91 -15.49 -13.18
N ASP A 442 9.00 -16.55 -14.00
CA ASP A 442 8.59 -17.90 -13.55
C ASP A 442 9.43 -18.37 -12.39
N HIS A 443 10.73 -18.09 -12.44
CA HIS A 443 11.64 -18.47 -11.34
C HIS A 443 11.24 -17.87 -9.98
N ILE A 444 10.91 -16.58 -9.95
CA ILE A 444 10.58 -15.96 -8.68
C ILE A 444 9.19 -16.39 -8.20
N ASN A 445 8.23 -16.44 -9.12
CA ASN A 445 6.91 -16.95 -8.80
C ASN A 445 6.89 -18.39 -8.29
N LEU A 446 7.50 -19.29 -9.07
CA LEU A 446 7.34 -20.72 -8.80
C LEU A 446 8.37 -21.26 -7.84
N ARG A 447 9.59 -20.73 -7.91
CA ARG A 447 10.69 -21.26 -7.11
C ARG A 447 10.93 -20.48 -5.83
N VAL A 448 11.05 -19.15 -5.96
CA VAL A 448 11.47 -18.32 -4.85
C VAL A 448 10.35 -17.92 -3.87
N LYS A 449 9.36 -17.18 -4.36
CA LYS A 449 8.33 -16.63 -3.47
C LYS A 449 7.07 -17.49 -3.40
N ASP A 450 7.01 -18.51 -4.25
CA ASP A 450 5.90 -19.47 -4.25
C ASP A 450 4.52 -18.85 -4.58
N ARG A 451 4.42 -18.18 -5.72
CA ARG A 451 3.20 -17.47 -6.10
C ARG A 451 2.54 -18.07 -7.33
N GLU A 452 1.29 -17.68 -7.57
CA GLU A 452 0.61 -18.01 -8.80
C GLU A 452 1.42 -17.61 -10.03
N TRP A 453 1.43 -18.48 -11.04
CA TRP A 453 2.27 -18.26 -12.24
C TRP A 453 1.86 -16.99 -12.98
N TRP A 454 0.59 -16.62 -12.82
CA TRP A 454 0.03 -15.51 -13.58
C TRP A 454 0.28 -14.13 -12.96
N ARG A 455 0.88 -14.08 -11.79
CA ARG A 455 1.15 -12.80 -11.15
C ARG A 455 2.39 -12.11 -11.70
N PRO A 456 2.26 -10.84 -12.08
CA PRO A 456 3.34 -10.10 -12.74
C PRO A 456 4.31 -9.47 -11.72
N PHE A 457 5.50 -9.11 -12.18
CA PHE A 457 6.46 -8.36 -11.39
C PHE A 457 6.63 -6.96 -11.99
N ALA A 458 7.30 -6.10 -11.23
CA ALA A 458 7.47 -4.68 -11.56
C ALA A 458 8.94 -4.25 -11.47
N PRO A 459 9.29 -3.16 -12.17
CA PRO A 459 10.70 -2.76 -12.29
C PRO A 459 11.05 -1.52 -11.50
N SER A 460 12.30 -1.47 -11.05
CA SER A 460 12.95 -0.21 -10.69
C SER A 460 13.86 0.25 -11.85
N MET A 461 13.92 1.55 -12.07
CA MET A 461 14.80 2.11 -13.09
C MET A 461 15.17 3.55 -12.76
N LEU A 462 16.34 3.98 -13.23
CA LEU A 462 16.74 5.38 -13.10
C LEU A 462 15.67 6.28 -13.71
N ARG A 463 15.32 7.36 -13.01
CA ARG A 463 14.40 8.34 -13.55
C ARG A 463 14.95 8.87 -14.89
N SER A 464 16.27 8.99 -14.96
CA SER A 464 16.93 9.54 -16.14
C SER A 464 16.66 8.79 -17.44
N VAL A 465 16.19 7.54 -17.36
CA VAL A 465 15.88 6.79 -18.58
C VAL A 465 14.40 6.41 -18.71
N SER A 466 13.59 6.78 -17.72
CA SER A 466 12.19 6.35 -17.69
C SER A 466 11.38 6.85 -18.89
N ASP A 467 11.71 8.04 -19.37
CA ASP A 467 11.09 8.58 -20.58
C ASP A 467 11.23 7.66 -21.80
N GLN A 468 12.42 7.10 -21.99
CA GLN A 468 12.66 6.16 -23.09
C GLN A 468 11.93 4.83 -22.88
N VAL A 469 11.85 4.39 -21.62
CA VAL A 469 11.29 3.07 -21.32
C VAL A 469 9.76 3.06 -21.27
N LEU A 470 9.17 4.09 -20.68
CA LEU A 470 7.72 4.11 -20.42
C LEU A 470 7.00 5.07 -21.35
N GLU A 471 5.71 4.79 -21.59
CA GLU A 471 4.91 5.64 -22.47
C GLU A 471 4.57 6.99 -21.84
N VAL A 472 4.76 7.11 -20.53
CA VAL A 472 4.56 8.37 -19.83
C VAL A 472 5.87 8.89 -19.24
N ASP A 473 6.11 10.19 -19.36
CA ASP A 473 7.30 10.80 -18.77
C ASP A 473 6.98 11.59 -17.51
N ALA A 474 7.04 10.91 -16.36
CA ALA A 474 6.83 11.55 -15.07
C ALA A 474 7.49 10.72 -13.97
N ASP A 475 7.58 11.29 -12.78
CA ASP A 475 8.08 10.57 -11.62
C ASP A 475 7.08 9.50 -11.20
N PHE A 476 7.57 8.28 -11.00
CA PHE A 476 6.78 7.19 -10.43
C PHE A 476 7.57 6.62 -9.26
N PRO A 477 7.47 7.28 -8.09
CA PRO A 477 8.36 6.95 -6.98
C PRO A 477 7.85 5.79 -6.13
N TYR A 478 6.57 5.44 -6.26
CA TYR A 478 5.96 4.54 -5.30
C TYR A 478 5.42 3.21 -5.85
N MET A 479 5.60 2.96 -7.14
CA MET A 479 4.97 1.78 -7.75
C MET A 479 3.48 1.76 -7.48
N ILE A 480 2.81 2.90 -7.63
CA ILE A 480 1.37 2.91 -7.34
C ILE A 480 0.54 3.27 -8.57
N MET A 481 1.23 3.41 -9.70
CA MET A 481 0.57 3.64 -10.98
C MET A 481 1.19 2.74 -12.02
N THR A 482 0.36 2.11 -12.85
CA THR A 482 0.91 1.35 -13.95
C THR A 482 1.01 2.28 -15.14
N THR A 483 1.82 1.89 -16.12
CA THR A 483 1.87 2.58 -17.40
C THR A 483 2.32 1.58 -18.45
N LYS A 484 2.30 2.01 -19.71
CA LYS A 484 2.68 1.12 -20.79
C LYS A 484 4.18 1.19 -21.05
N VAL A 485 4.77 0.05 -21.36
CA VAL A 485 6.17 0.03 -21.79
C VAL A 485 6.23 0.30 -23.29
N ARG A 486 7.13 1.19 -23.73
CA ARG A 486 7.38 1.39 -25.16
C ARG A 486 7.65 0.04 -25.84
N ALA A 487 7.16 -0.12 -27.06
CA ALA A 487 7.37 -1.34 -27.83
C ALA A 487 8.86 -1.71 -27.94
N ALA A 488 9.72 -0.69 -28.02
CA ALA A 488 11.18 -0.88 -28.06
C ALA A 488 11.74 -1.58 -26.82
N TYR A 489 11.04 -1.49 -25.69
CA TYR A 489 11.50 -2.09 -24.44
C TYR A 489 10.60 -3.23 -23.97
N ALA A 490 9.38 -3.28 -24.48
CA ALA A 490 8.40 -4.29 -24.06
C ALA A 490 8.96 -5.69 -24.28
N GLU A 491 9.90 -5.79 -25.20
CA GLU A 491 10.53 -7.07 -25.51
C GLU A 491 11.88 -7.22 -24.82
N ARG A 492 12.54 -6.10 -24.55
CA ARG A 492 13.82 -6.10 -23.82
C ARG A 492 13.67 -6.44 -22.33
N LEU A 493 12.50 -6.14 -21.77
CA LEU A 493 12.30 -6.23 -20.32
C LEU A 493 11.18 -7.20 -19.96
N PRO A 494 11.30 -8.47 -20.36
CA PRO A 494 10.17 -9.40 -20.24
C PRO A 494 9.72 -9.74 -18.81
N SER A 495 10.61 -9.79 -17.84
CA SER A 495 10.20 -10.22 -16.49
C SER A 495 9.33 -9.18 -15.78
N VAL A 496 9.34 -7.95 -16.26
CA VAL A 496 8.67 -6.88 -15.53
C VAL A 496 7.53 -6.27 -16.32
N VAL A 497 7.09 -7.00 -17.34
CA VAL A 497 5.94 -6.61 -18.15
C VAL A 497 4.77 -7.58 -17.95
N HIS A 498 3.56 -7.03 -17.99
CA HIS A 498 2.36 -7.79 -17.70
C HIS A 498 1.68 -8.28 -18.99
N GLU A 499 0.63 -9.08 -18.84
CA GLU A 499 -0.12 -9.64 -19.94
C GLU A 499 -0.53 -8.58 -20.99
N ASP A 500 -0.84 -7.38 -20.52
CA ASP A 500 -1.32 -6.29 -21.38
C ASP A 500 -0.27 -5.19 -21.62
N TRP A 501 1.00 -5.57 -21.58
CA TRP A 501 2.13 -4.65 -21.78
C TRP A 501 2.20 -3.48 -20.78
N SER A 502 1.51 -3.67 -19.67
CA SER A 502 1.57 -2.72 -18.57
C SER A 502 2.74 -3.06 -17.65
N THR A 503 3.24 -2.03 -16.97
CA THR A 503 4.21 -2.22 -15.89
C THR A 503 3.90 -1.23 -14.77
N ARG A 504 4.35 -1.53 -13.56
CA ARG A 504 4.04 -0.74 -12.36
C ARG A 504 5.38 -0.28 -11.79
N PRO A 505 5.96 0.78 -12.37
CA PRO A 505 7.38 1.09 -12.18
C PRO A 505 7.71 1.90 -10.93
N GLN A 506 8.96 1.79 -10.51
CA GLN A 506 9.56 2.77 -9.61
C GLN A 506 10.67 3.49 -10.36
N THR A 507 10.60 4.82 -10.37
CA THR A 507 11.67 5.63 -10.93
C THR A 507 12.56 6.06 -9.77
N VAL A 508 13.87 5.97 -9.96
CA VAL A 508 14.81 6.23 -8.87
C VAL A 508 15.71 7.45 -9.14
N THR A 509 15.75 8.39 -8.21
CA THR A 509 16.68 9.52 -8.31
C THR A 509 17.85 9.31 -7.36
N GLU A 510 18.99 9.89 -7.72
CA GLU A 510 20.18 9.85 -6.87
C GLU A 510 19.85 10.38 -5.46
N ALA A 511 19.08 11.47 -5.41
CA ALA A 511 18.66 12.07 -4.14
C ALA A 511 17.84 11.11 -3.26
N SER A 512 16.85 10.46 -3.84
CA SER A 512 15.95 9.60 -3.09
C SER A 512 16.68 8.40 -2.47
N ASN A 513 17.68 7.88 -3.18
CA ASN A 513 18.30 6.63 -2.77
C ASN A 513 19.63 6.41 -3.49
N PRO A 514 20.70 7.05 -2.98
CA PRO A 514 22.02 7.05 -3.62
C PRO A 514 22.54 5.64 -3.92
N ARG A 515 22.43 4.74 -2.95
CA ARG A 515 22.95 3.38 -3.05
C ARG A 515 22.24 2.59 -4.18
N TYR A 516 20.91 2.58 -4.13
CA TYR A 516 20.10 1.89 -5.12
C TYR A 516 20.42 2.50 -6.47
N HIS A 517 20.46 3.83 -6.52
CA HIS A 517 20.75 4.56 -7.75
C HIS A 517 22.09 4.14 -8.35
N ARG A 518 23.10 4.06 -7.50
CA ARG A 518 24.45 3.64 -7.89
C ARG A 518 24.46 2.17 -8.38
N MET A 519 23.73 1.30 -7.68
CA MET A 519 23.59 -0.09 -8.10
C MET A 519 22.95 -0.19 -9.51
N LEU A 520 21.82 0.48 -9.71
CA LEU A 520 21.17 0.49 -11.01
C LEU A 520 22.08 1.02 -12.13
N THR A 521 22.81 2.08 -11.83
CA THR A 521 23.76 2.66 -12.79
C THR A 521 24.78 1.62 -13.21
N GLU A 522 25.40 0.96 -12.23
CA GLU A 522 26.35 -0.10 -12.49
C GLU A 522 25.70 -1.19 -13.33
N LEU A 523 24.46 -1.54 -12.99
CA LEU A 523 23.70 -2.56 -13.74
C LEU A 523 23.52 -2.16 -15.21
N GLY A 524 23.20 -0.89 -15.47
CA GLY A 524 23.04 -0.40 -16.82
C GLY A 524 24.29 -0.57 -17.68
N ASP A 525 25.46 -0.44 -17.06
CA ASP A 525 26.72 -0.63 -17.77
C ASP A 525 26.87 -2.09 -18.21
N LEU A 526 26.12 -2.98 -17.58
CA LEU A 526 26.26 -4.42 -17.81
C LEU A 526 25.22 -5.00 -18.76
N VAL A 527 23.99 -4.50 -18.66
CA VAL A 527 22.88 -5.11 -19.41
C VAL A 527 22.23 -4.13 -20.39
N GLY A 528 22.77 -2.91 -20.45
CA GLY A 528 22.30 -1.90 -21.38
C GLY A 528 21.37 -0.90 -20.70
N ASP A 529 20.40 -1.40 -19.96
CA ASP A 529 19.42 -0.54 -19.32
C ASP A 529 19.53 -0.61 -17.80
N PRO A 530 19.57 0.56 -17.13
CA PRO A 530 19.64 0.59 -15.67
C PRO A 530 18.27 0.29 -15.08
N VAL A 531 17.82 -0.95 -15.26
CA VAL A 531 16.49 -1.37 -14.89
C VAL A 531 16.62 -2.74 -14.27
N CYS A 532 15.97 -2.98 -13.14
CA CYS A 532 15.95 -4.32 -12.59
C CYS A 532 14.54 -4.68 -12.14
N LEU A 533 14.33 -5.98 -11.93
CA LEU A 533 13.13 -6.47 -11.28
C LEU A 533 13.25 -6.21 -9.77
N ASN A 534 12.24 -5.58 -9.21
CA ASN A 534 12.20 -5.29 -7.78
C ASN A 534 10.88 -5.74 -7.21
N THR A 535 10.92 -6.87 -6.50
CA THR A 535 9.76 -7.37 -5.79
C THR A 535 10.06 -7.33 -4.29
N SER A 536 9.04 -7.37 -3.44
CA SER A 536 9.32 -7.21 -2.02
C SER A 536 9.99 -8.42 -1.39
N PHE A 537 10.86 -8.14 -0.44
CA PHE A 537 11.68 -9.13 0.25
C PHE A 537 10.84 -9.81 1.33
N ASN A 538 10.23 -10.92 0.96
CA ASN A 538 9.36 -11.70 1.83
C ASN A 538 8.91 -12.92 1.05
N ASP A 539 8.61 -13.99 1.77
CA ASP A 539 7.94 -15.13 1.21
C ASP A 539 6.59 -14.58 0.75
N ARG A 540 6.05 -15.09 -0.34
CA ARG A 540 4.72 -14.67 -0.77
C ARG A 540 3.80 -14.78 0.42
N GLY A 541 2.97 -13.75 0.63
CA GLY A 541 2.06 -13.76 1.75
C GLY A 541 2.55 -13.07 3.01
N GLU A 542 3.83 -13.26 3.37
CA GLU A 542 4.33 -12.72 4.66
C GLU A 542 4.66 -11.23 4.57
N PRO A 543 4.63 -10.53 5.71
CA PRO A 543 4.97 -9.09 5.71
C PRO A 543 6.38 -8.86 5.18
N ILE A 544 6.61 -7.76 4.46
CA ILE A 544 7.96 -7.40 4.06
C ILE A 544 8.92 -7.41 5.28
N VAL A 545 10.12 -7.95 5.10
CA VAL A 545 11.10 -8.02 6.17
C VAL A 545 11.48 -6.62 6.62
N SER A 546 11.79 -6.48 7.90
CA SER A 546 12.10 -5.17 8.46
C SER A 546 13.50 -5.15 9.01
N SER A 547 13.79 -6.06 9.94
CA SER A 547 15.07 -6.12 10.62
C SER A 547 16.08 -7.02 9.92
N PRO A 548 17.36 -6.84 10.24
CA PRO A 548 18.39 -7.73 9.70
C PRO A 548 18.08 -9.19 10.02
N ALA A 549 17.53 -9.48 11.19
CA ALA A 549 17.15 -10.86 11.51
C ALA A 549 16.01 -11.36 10.64
N ASP A 550 15.00 -10.51 10.40
CA ASP A 550 13.92 -10.86 9.48
C ASP A 550 14.50 -11.25 8.13
N ALA A 551 15.41 -10.41 7.62
CA ALA A 551 15.94 -10.62 6.29
C ALA A 551 16.72 -11.93 6.24
N LEU A 552 17.45 -12.22 7.31
CA LEU A 552 18.22 -13.45 7.37
C LEU A 552 17.32 -14.67 7.41
N LEU A 553 16.26 -14.60 8.23
CA LEU A 553 15.28 -15.67 8.27
C LEU A 553 14.68 -15.96 6.88
N THR A 554 14.38 -14.91 6.12
CA THR A 554 13.77 -15.10 4.81
C THR A 554 14.80 -15.53 3.78
N PHE A 555 16.00 -14.98 3.88
CA PHE A 555 17.09 -15.35 2.99
C PHE A 555 17.36 -16.86 3.08
N SER A 556 17.21 -17.41 4.28
CA SER A 556 17.58 -18.80 4.55
C SER A 556 16.44 -19.78 4.29
N ARG A 557 15.20 -19.30 4.38
CA ARG A 557 14.03 -20.12 4.12
C ARG A 557 13.76 -20.25 2.61
N LEU A 558 14.23 -19.27 1.82
CA LEU A 558 13.94 -19.22 0.39
C LEU A 558 15.19 -19.40 -0.48
N PRO A 559 15.01 -19.96 -1.69
CA PRO A 559 16.16 -20.17 -2.58
C PRO A 559 16.65 -18.88 -3.22
N ILE A 560 17.06 -17.94 -2.37
CA ILE A 560 17.60 -16.64 -2.77
C ILE A 560 19.12 -16.78 -2.84
N ASP A 561 19.72 -16.21 -3.87
CA ASP A 561 21.15 -16.43 -4.12
C ASP A 561 22.08 -15.65 -3.19
N ALA A 562 21.76 -14.39 -2.95
CA ALA A 562 22.61 -13.51 -2.17
C ALA A 562 21.76 -12.53 -1.37
N LEU A 563 22.37 -11.98 -0.33
CA LEU A 563 21.73 -10.96 0.48
C LEU A 563 22.76 -9.85 0.71
N ALA A 564 22.45 -8.65 0.22
CA ALA A 564 23.20 -7.47 0.58
C ALA A 564 22.43 -6.77 1.70
N VAL A 565 22.88 -6.96 2.94
CA VAL A 565 22.24 -6.35 4.09
C VAL A 565 23.21 -5.38 4.73
N GLY A 566 22.84 -4.10 4.72
CA GLY A 566 23.78 -3.05 5.05
C GLY A 566 24.99 -3.16 4.14
N PRO A 567 26.20 -3.03 4.71
CA PRO A 567 27.41 -3.09 3.91
C PRO A 567 27.91 -4.51 3.65
N TYR A 568 27.18 -5.50 4.13
CA TYR A 568 27.62 -6.88 4.01
C TYR A 568 26.91 -7.69 2.91
N LEU A 569 27.62 -8.68 2.38
CA LEU A 569 27.08 -9.55 1.36
C LEU A 569 27.21 -11.00 1.79
N VAL A 570 26.09 -11.71 1.79
CA VAL A 570 26.05 -13.13 2.11
C VAL A 570 25.60 -13.88 0.87
N THR A 571 26.25 -15.00 0.56
CA THR A 571 25.91 -15.77 -0.64
C THR A 571 25.67 -17.23 -0.30
N LYS A 572 24.67 -17.84 -0.91
CA LYS A 572 24.42 -19.25 -0.72
C LYS A 572 25.30 -20.08 -1.65
#